data_7EPO
#
_entry.id   7EPO
#
_cell.length_a   59.636
_cell.length_b   59.636
_cell.length_c   69.499
_cell.angle_alpha   90.000
_cell.angle_beta   90.000
_cell.angle_gamma   120.000
#
_symmetry.space_group_name_H-M   'P 32 2 1'
#
loop_
_entity.id
_entity.type
_entity.pdbx_description
1 polymer 'SnoaL-like domain-containing protein'
2 non-polymer 5-nitro-1,2-benzoxazole
3 water water
#
_entity_poly.entity_id   1
_entity_poly.type   'polypeptide(L)'
_entity_poly.pdbx_seq_one_letter_code
;MVSTRETVNELLRRIAAGDPGRIAELYAEEVSWKLSWPAGDHMGVVPWIQQRSTRAGVEEHFRLIADHHVAKQSSAEVFS
VLVDGADAVVLGELRNTAGPTGRSYEAPFALHLTVENGLVTRHHVYEDSLAVFRAFAENAGEPVRSRAS
;
_entity_poly.pdbx_strand_id   A
#
loop_
_chem_comp.id
_chem_comp.type
_chem_comp.name
_chem_comp.formula
H5J non-polymer 5-nitro-1,2-benzoxazole 'C7 H4 N2 O3'
#
# COMPACT_ATOMS: atom_id res chain seq x y z
N VAL A 2 14.52 7.11 14.61
CA VAL A 2 13.45 7.09 15.59
C VAL A 2 12.56 5.86 15.36
N SER A 3 11.48 5.74 16.14
CA SER A 3 10.84 4.45 16.40
C SER A 3 10.28 3.81 15.12
N THR A 4 9.96 2.53 15.24
CA THR A 4 9.21 1.84 14.19
C THR A 4 7.80 2.43 14.08
N ARG A 5 7.14 2.62 15.23
CA ARG A 5 5.74 3.05 15.24
C ARG A 5 5.60 4.48 14.77
N GLU A 6 6.51 5.36 15.21
CA GLU A 6 6.54 6.73 14.71
C GLU A 6 6.68 6.75 13.19
N THR A 7 7.64 5.98 12.67
CA THR A 7 7.82 5.92 11.21
C THR A 7 6.50 5.56 10.52
N VAL A 8 5.79 4.57 11.05
CA VAL A 8 4.58 4.09 10.38
C VAL A 8 3.49 5.14 10.39
N ASN A 9 3.25 5.75 11.57
CA ASN A 9 2.21 6.78 11.66
C ASN A 9 2.49 7.93 10.71
N GLU A 10 3.76 8.29 10.56
CA GLU A 10 4.15 9.28 9.57
C GLU A 10 3.84 8.80 8.15
N LEU A 11 3.95 7.48 7.90
CA LEU A 11 3.60 6.96 6.58
C LEU A 11 2.11 7.07 6.33
N LEU A 12 1.29 6.67 7.30
CA LEU A 12 -0.16 6.76 7.18
C LEU A 12 -0.62 8.18 6.89
N ARG A 13 0.01 9.16 7.54
CA ARG A 13 -0.42 10.54 7.35
C ARG A 13 0.03 11.06 5.99
N ARG A 14 1.24 10.68 5.55
CA ARG A 14 1.69 11.06 4.22
C ARG A 14 0.85 10.38 3.14
N ILE A 15 0.38 9.16 3.39
CA ILE A 15 -0.47 8.47 2.43
C ILE A 15 -1.84 9.13 2.38
N ALA A 16 -2.42 9.39 3.55
CA ALA A 16 -3.69 10.10 3.62
C ALA A 16 -3.60 11.48 2.96
N ALA A 17 -2.39 12.07 2.93
CA ALA A 17 -2.21 13.41 2.35
C ALA A 17 -1.90 13.40 0.86
N GLY A 18 -1.55 12.24 0.29
CA GLY A 18 -1.62 12.03 -1.14
C GLY A 18 -0.33 12.21 -1.90
N ASP A 19 0.53 13.17 -1.53
CA ASP A 19 1.67 13.46 -2.39
C ASP A 19 2.55 12.22 -2.57
N PRO A 20 2.64 11.68 -3.78
CA PRO A 20 3.39 10.43 -3.95
C PRO A 20 4.89 10.61 -3.75
N GLY A 21 5.45 11.73 -4.21
CA GLY A 21 6.87 11.95 -4.02
C GLY A 21 7.25 11.96 -2.56
N ARG A 22 6.49 12.71 -1.75
CA ARG A 22 6.74 12.71 -0.32
C ARG A 22 6.45 11.36 0.31
N ILE A 23 5.48 10.61 -0.21
CA ILE A 23 5.25 9.28 0.36
C ILE A 23 6.48 8.41 0.14
N ALA A 24 7.06 8.47 -1.07
CA ALA A 24 8.19 7.62 -1.40
C ALA A 24 9.44 8.03 -0.64
N GLU A 25 9.52 9.30 -0.25
CA GLU A 25 10.64 9.78 0.55
C GLU A 25 10.82 8.93 1.80
N LEU A 26 9.74 8.30 2.30
CA LEU A 26 9.81 7.44 3.48
C LEU A 26 10.40 6.07 3.21
N TYR A 27 10.60 5.72 1.95
CA TYR A 27 10.91 4.36 1.59
C TYR A 27 12.40 4.21 1.33
N ALA A 28 12.91 3.04 1.64
CA ALA A 28 14.30 2.72 1.37
C ALA A 28 14.56 2.75 -0.14
N GLU A 29 15.85 2.84 -0.51
CA GLU A 29 16.22 2.80 -1.92
C GLU A 29 15.77 1.51 -2.56
N GLU A 30 16.14 0.37 -1.97
CA GLU A 30 15.61 -0.92 -2.34
C GLU A 30 14.49 -1.28 -1.36
N VAL A 31 13.41 -1.84 -1.89
CA VAL A 31 12.21 -2.14 -1.13
C VAL A 31 11.73 -3.52 -1.52
N SER A 32 11.36 -4.32 -0.53
CA SER A 32 10.74 -5.61 -0.81
C SER A 32 9.23 -5.37 -0.90
N TRP A 33 8.66 -5.62 -2.07
CA TRP A 33 7.28 -5.23 -2.37
C TRP A 33 6.48 -6.48 -2.73
N LYS A 34 5.48 -6.82 -1.91
CA LYS A 34 4.68 -8.01 -2.17
C LYS A 34 3.19 -7.70 -2.01
N LEU A 35 2.40 -8.49 -2.74
CA LEU A 35 0.96 -8.31 -2.78
C LEU A 35 0.29 -9.68 -2.81
N SER A 36 -0.82 -9.82 -2.09
CA SER A 36 -1.60 -11.06 -2.08
C SER A 36 -2.54 -11.11 -3.30
N TRP A 37 -1.92 -11.12 -4.47
CA TRP A 37 -2.53 -11.26 -5.78
C TRP A 37 -1.79 -12.34 -6.56
N PRO A 38 -2.49 -13.07 -7.42
CA PRO A 38 -1.83 -14.13 -8.17
C PRO A 38 -0.72 -13.58 -9.04
N ALA A 39 0.34 -14.39 -9.19
CA ALA A 39 1.42 -14.06 -10.10
C ALA A 39 0.90 -13.66 -11.47
N GLY A 40 0.00 -14.46 -12.03
CA GLY A 40 -0.44 -14.27 -13.41
C GLY A 40 -1.26 -13.02 -13.66
N ASP A 41 -1.75 -12.38 -12.60
CA ASP A 41 -2.58 -11.19 -12.71
C ASP A 41 -1.82 -9.91 -12.38
N HIS A 42 -0.51 -9.98 -12.30
CA HIS A 42 0.29 -8.76 -12.16
C HIS A 42 0.26 -7.97 -13.47
N MET A 43 -0.07 -6.68 -13.38
CA MET A 43 -0.31 -5.83 -14.55
C MET A 43 -1.45 -6.36 -15.41
N GLY A 44 -2.51 -6.83 -14.75
CA GLY A 44 -3.74 -7.27 -15.40
C GLY A 44 -4.80 -6.19 -15.41
N VAL A 45 -6.04 -6.58 -15.15
CA VAL A 45 -7.14 -5.61 -15.22
C VAL A 45 -7.09 -4.62 -14.04
N VAL A 46 -6.56 -5.05 -12.90
CA VAL A 46 -6.32 -4.11 -11.77
C VAL A 46 -4.90 -3.58 -11.92
N PRO A 47 -4.73 -2.29 -12.25
CA PRO A 47 -3.47 -1.84 -12.86
C PRO A 47 -2.28 -1.67 -11.93
N TRP A 48 -2.52 -1.37 -10.64
CA TRP A 48 -1.37 -1.21 -9.76
C TRP A 48 -0.74 -2.55 -9.38
N ILE A 49 -1.48 -3.65 -9.54
CA ILE A 49 -0.97 -4.96 -9.19
C ILE A 49 0.19 -5.31 -10.11
N GLN A 50 1.42 -5.05 -9.66
CA GLN A 50 2.60 -5.41 -10.42
C GLN A 50 3.80 -5.38 -9.49
N GLN A 51 4.86 -6.06 -9.87
CA GLN A 51 6.00 -6.10 -8.97
C GLN A 51 6.73 -4.77 -8.99
N ARG A 52 7.33 -4.44 -7.86
CA ARG A 52 8.05 -3.20 -7.65
C ARG A 52 9.31 -3.51 -6.83
N SER A 53 10.32 -2.64 -6.96
CA SER A 53 11.63 -2.97 -6.40
C SER A 53 12.36 -1.81 -5.73
N THR A 54 12.07 -0.55 -6.05
CA THR A 54 12.86 0.58 -5.56
C THR A 54 11.92 1.72 -5.16
N ARG A 55 12.51 2.74 -4.54
CA ARG A 55 11.73 3.89 -4.08
C ARG A 55 10.91 4.46 -5.22
N ALA A 56 11.56 4.71 -6.35
CA ALA A 56 10.88 5.27 -7.52
C ALA A 56 9.72 4.38 -7.97
N GLY A 57 9.90 3.07 -7.91
CA GLY A 57 8.78 2.18 -8.15
C GLY A 57 7.64 2.43 -7.18
N VAL A 58 7.97 2.52 -5.90
CA VAL A 58 6.96 2.82 -4.89
C VAL A 58 6.27 4.13 -5.23
N GLU A 59 7.03 5.11 -5.70
CA GLU A 59 6.42 6.39 -6.04
C GLU A 59 5.40 6.22 -7.15
N GLU A 60 5.76 5.50 -8.21
CA GLU A 60 4.83 5.35 -9.31
C GLU A 60 3.57 4.63 -8.87
N HIS A 61 3.69 3.73 -7.89
CA HIS A 61 2.52 3.04 -7.36
C HIS A 61 1.53 4.03 -6.78
N PHE A 62 2.01 4.96 -5.95
CA PHE A 62 1.11 5.91 -5.33
C PHE A 62 0.56 6.91 -6.34
N ARG A 63 1.29 7.20 -7.41
CA ARG A 63 0.68 8.00 -8.46
C ARG A 63 -0.43 7.22 -9.16
N LEU A 64 -0.32 5.90 -9.22
CA LEU A 64 -1.25 5.13 -10.04
C LEU A 64 -2.56 4.80 -9.32
N ILE A 65 -2.51 4.37 -8.05
CA ILE A 65 -3.76 4.19 -7.31
C ILE A 65 -4.56 5.50 -7.29
N ALA A 66 -3.88 6.64 -7.32
CA ALA A 66 -4.56 7.92 -7.30
C ALA A 66 -5.25 8.23 -8.63
N ASP A 67 -4.72 7.71 -9.74
CA ASP A 67 -5.36 7.92 -11.03
C ASP A 67 -6.57 7.00 -11.22
N HIS A 68 -6.39 5.71 -10.95
CA HIS A 68 -7.45 4.73 -11.12
C HIS A 68 -8.29 4.60 -9.85
N SER A 74 -13.58 8.09 -2.50
CA SER A 74 -12.73 6.98 -2.08
C SER A 74 -11.97 7.30 -0.78
N SER A 75 -12.00 6.36 0.18
CA SER A 75 -11.52 6.59 1.55
C SER A 75 -10.86 5.34 2.12
N ALA A 76 -10.31 5.48 3.32
CA ALA A 76 -9.61 4.38 3.97
C ALA A 76 -9.66 4.57 5.48
N GLU A 77 -9.94 3.47 6.20
CA GLU A 77 -10.01 3.46 7.66
C GLU A 77 -8.93 2.54 8.21
N VAL A 78 -8.25 3.00 9.26
CA VAL A 78 -7.23 2.19 9.92
C VAL A 78 -7.77 1.74 11.27
N PHE A 79 -7.94 0.44 11.41
CA PHE A 79 -8.47 -0.10 12.65
C PHE A 79 -7.40 -0.15 13.75
N SER A 80 -6.18 -0.57 13.41
CA SER A 80 -5.11 -0.70 14.41
C SER A 80 -3.76 -0.78 13.71
N VAL A 81 -2.71 -0.61 14.51
CA VAL A 81 -1.34 -0.74 14.04
C VAL A 81 -0.59 -1.56 15.08
N LEU A 82 -0.27 -2.79 14.73
CA LEU A 82 0.50 -3.67 15.60
C LEU A 82 1.97 -3.48 15.27
N VAL A 83 2.80 -3.30 16.31
CA VAL A 83 4.25 -3.10 16.14
C VAL A 83 4.97 -4.14 16.99
N ASP A 84 5.96 -4.83 16.39
CA ASP A 84 6.78 -5.85 17.06
C ASP A 84 8.21 -5.72 16.50
N GLY A 85 8.93 -4.75 17.03
CA GLY A 85 10.33 -4.55 16.67
C GLY A 85 10.46 -3.66 15.43
N ALA A 86 11.13 -4.18 14.41
CA ALA A 86 11.25 -3.44 13.16
C ALA A 86 10.04 -3.65 12.25
N ASP A 87 9.11 -4.52 12.66
CA ASP A 87 8.00 -4.92 11.80
C ASP A 87 6.69 -4.39 12.36
N ALA A 88 5.79 -4.02 11.46
CA ALA A 88 4.47 -3.52 11.82
C ALA A 88 3.42 -4.06 10.86
N VAL A 89 2.19 -4.15 11.34
CA VAL A 89 1.05 -4.53 10.51
C VAL A 89 -0.05 -3.48 10.68
N VAL A 90 -0.40 -2.81 9.59
CA VAL A 90 -1.52 -1.89 9.58
C VAL A 90 -2.77 -2.65 9.17
N LEU A 91 -3.78 -2.61 10.03
CA LEU A 91 -5.05 -3.29 9.83
C LEU A 91 -6.11 -2.24 9.53
N GLY A 92 -6.73 -2.34 8.38
CA GLY A 92 -7.77 -1.39 8.01
C GLY A 92 -8.63 -1.93 6.89
N GLU A 93 -9.30 -1.00 6.21
CA GLU A 93 -10.22 -1.33 5.12
C GLU A 93 -10.14 -0.24 4.06
N LEU A 94 -9.98 -0.65 2.79
CA LEU A 94 -10.10 0.22 1.62
C LEU A 94 -11.56 0.26 1.18
N ARG A 95 -12.12 1.46 1.08
CA ARG A 95 -13.47 1.65 0.54
C ARG A 95 -13.37 2.69 -0.57
N ASN A 96 -13.02 2.25 -1.77
CA ASN A 96 -12.84 3.10 -2.94
C ASN A 96 -13.86 2.73 -4.00
N THR A 97 -13.71 3.31 -5.19
CA THR A 97 -14.57 3.00 -6.33
C THR A 97 -13.73 2.99 -7.59
N ALA A 98 -13.89 1.93 -8.38
CA ALA A 98 -13.01 1.69 -9.52
C ALA A 98 -13.28 2.71 -10.62
N GLY A 99 -12.24 3.47 -10.98
CA GLY A 99 -12.30 4.46 -12.03
C GLY A 99 -13.01 4.04 -13.31
N PRO A 100 -12.57 2.94 -13.95
CA PRO A 100 -13.22 2.51 -15.21
C PRO A 100 -14.65 2.01 -15.07
N THR A 101 -14.88 0.98 -14.25
CA THR A 101 -16.19 0.33 -14.22
C THR A 101 -17.25 1.13 -13.47
N GLY A 102 -16.84 2.05 -12.61
CA GLY A 102 -17.77 2.75 -11.74
C GLY A 102 -18.21 1.98 -10.53
N ARG A 103 -17.79 0.71 -10.38
CA ARG A 103 -18.27 -0.15 -9.31
C ARG A 103 -17.53 0.16 -8.00
N SER A 104 -18.29 0.34 -6.92
CA SER A 104 -17.71 0.67 -5.63
C SER A 104 -17.41 -0.62 -4.87
N TYR A 105 -16.26 -0.65 -4.18
CA TYR A 105 -15.79 -1.86 -3.54
C TYR A 105 -15.21 -1.56 -2.16
N GLU A 106 -15.17 -2.60 -1.34
CA GLU A 106 -14.53 -2.54 -0.02
C GLU A 106 -13.57 -3.71 0.07
N ALA A 107 -12.32 -3.44 0.42
CA ALA A 107 -11.32 -4.48 0.57
C ALA A 107 -10.68 -4.35 1.95
N PRO A 108 -10.88 -5.31 2.85
CA PRO A 108 -10.06 -5.35 4.06
C PRO A 108 -8.60 -5.58 3.70
N PHE A 109 -7.71 -4.94 4.47
CA PHE A 109 -6.29 -5.13 4.23
C PHE A 109 -5.55 -5.25 5.55
N ALA A 110 -4.46 -5.99 5.48
CA ALA A 110 -3.41 -6.00 6.49
C ALA A 110 -2.13 -5.61 5.76
N LEU A 111 -1.51 -4.50 6.18
CA LEU A 111 -0.31 -3.95 5.52
C LEU A 111 0.89 -4.25 6.41
N HIS A 112 1.76 -5.13 5.95
CA HIS A 112 2.94 -5.55 6.70
C HIS A 112 4.11 -4.65 6.31
N LEU A 113 4.72 -3.99 7.30
CA LEU A 113 5.84 -3.10 7.06
C LEU A 113 7.04 -3.49 7.90
N THR A 114 8.24 -3.28 7.33
CA THR A 114 9.51 -3.35 8.03
C THR A 114 10.19 -1.99 7.94
N VAL A 115 10.79 -1.56 9.04
CA VAL A 115 11.49 -0.28 9.10
C VAL A 115 12.91 -0.54 9.55
N GLU A 116 13.87 0.06 8.84
CA GLU A 116 15.29 0.02 9.17
C GLU A 116 15.82 1.44 9.04
N ASN A 117 16.43 1.95 10.11
CA ASN A 117 16.97 3.30 10.12
C ASN A 117 15.92 4.34 9.68
N GLY A 118 14.70 4.19 10.19
CA GLY A 118 13.65 5.13 9.87
C GLY A 118 13.11 5.06 8.46
N LEU A 119 13.52 4.05 7.68
CA LEU A 119 13.09 3.91 6.29
C LEU A 119 12.33 2.59 6.15
N VAL A 120 11.28 2.61 5.34
CA VAL A 120 10.51 1.41 5.06
C VAL A 120 11.29 0.58 4.06
N THR A 121 11.63 -0.64 4.45
CA THR A 121 12.33 -1.55 3.56
C THR A 121 11.43 -2.65 3.02
N ARG A 122 10.28 -2.87 3.65
CA ARG A 122 9.33 -3.86 3.17
C ARG A 122 7.92 -3.31 3.23
N HIS A 123 7.13 -3.67 2.21
CA HIS A 123 5.73 -3.26 2.04
C HIS A 123 5.00 -4.45 1.41
N HIS A 124 4.29 -5.22 2.24
CA HIS A 124 3.65 -6.45 1.80
C HIS A 124 2.16 -6.34 2.13
N VAL A 125 1.35 -6.19 1.11
CA VAL A 125 -0.09 -6.01 1.30
C VAL A 125 -0.77 -7.36 1.29
N TYR A 126 -1.65 -7.59 2.27
CA TYR A 126 -2.57 -8.73 2.29
C TYR A 126 -3.98 -8.16 2.26
N GLU A 127 -4.75 -8.47 1.21
CA GLU A 127 -6.04 -7.81 1.03
C GLU A 127 -6.99 -8.65 0.19
N ASP A 128 -8.29 -8.32 0.28
CA ASP A 128 -9.36 -9.01 -0.42
C ASP A 128 -9.20 -8.77 -1.92
N SER A 129 -8.33 -9.58 -2.52
CA SER A 129 -7.97 -9.42 -3.92
C SER A 129 -9.16 -9.65 -4.83
N LEU A 130 -10.01 -10.62 -4.48
CA LEU A 130 -11.18 -10.94 -5.30
C LEU A 130 -12.19 -9.80 -5.32
N ALA A 131 -12.34 -9.05 -4.23
CA ALA A 131 -13.31 -7.96 -4.24
C ALA A 131 -12.83 -6.80 -5.12
N VAL A 132 -11.56 -6.44 -4.99
CA VAL A 132 -10.96 -5.45 -5.88
C VAL A 132 -11.09 -5.91 -7.33
N PHE A 133 -10.76 -7.17 -7.58
CA PHE A 133 -10.77 -7.69 -8.94
C PHE A 133 -12.16 -7.57 -9.56
N ARG A 134 -13.21 -7.91 -8.79
CA ARG A 134 -14.58 -7.83 -9.31
C ARG A 134 -15.01 -6.40 -9.60
N ALA A 135 -14.38 -5.42 -8.97
CA ALA A 135 -14.65 -4.03 -9.27
C ALA A 135 -14.06 -3.58 -10.60
N PHE A 136 -13.30 -4.43 -11.30
CA PHE A 136 -12.55 -3.98 -12.47
C PHE A 136 -12.72 -4.83 -13.75
OAB H5J B . -0.43 -0.55 -0.29
NAL H5J B . -1.25 -0.03 -0.96
OAA H5J B . -1.25 1.14 -1.06
CAI H5J B . -2.23 -0.79 -1.69
CAF H5J B . -3.58 -0.48 -1.67
CAJ H5J B . -4.50 -1.25 -2.41
CAE H5J B . -5.87 -1.17 -2.58
NAG H5J B . -6.26 -2.16 -3.40
OAH H5J B . -5.12 -2.88 -3.76
CAK H5J B . -4.05 -2.31 -3.15
CAD H5J B . -2.69 -2.63 -3.16
CAC H5J B . -1.78 -1.86 -2.43
#